data_5RZ0
#
_entry.id   5RZ0
#
_cell.length_a   38.490
_cell.length_b   77.290
_cell.length_c   99.440
_cell.angle_alpha   90.000
_cell.angle_beta   90.000
_cell.angle_gamma   90.000
#
_symmetry.space_group_name_H-M   'P 21 21 21'
#
loop_
_entity.id
_entity.type
_entity.pdbx_description
1 polymer 'Isoform 2 of Band 4.1-like protein 3'
2 non-polymer (2,5-dimethyl-1,3-thiazol-4-yl)(pyrrolidin-1-yl)methanone
3 non-polymer 'DIMETHYL SULFOXIDE'
4 non-polymer 1,2-ETHANEDIOL
5 water water
#
_entity_poly.entity_id   1
_entity_poly.type   'polypeptide(L)'
_entity_poly.pdbx_seq_one_letter_code
;SMPKSMQCKVILLDGSEYTCDVEKRSRGQVLFDKVCEHLNLLEKDYFGLTYRDAENQKNWLDPAKEIKKQVRSGAWHFSF
NVKFYPPDPAQLSEDITRYYLCLQLRDDIVSGRLPCSFVTLALLGSYTVQSELGDYDPDECGSDYISEFRFAPNHTKELE
DKVIELHKSHRGMTPAEAEMHFLENAKKLSMYGVDLHHAKDSEGVEIMLGVCASGLLIYRDRLRINRFAWPKVLKISYKR
NNFYIKIRPGEFEQFESTIGFKLPNHRAAKRLWKVCVEHHTFFRLL
;
_entity_poly.pdbx_strand_id   A
#
# COMPACT_ATOMS: atom_id res chain seq x y z
N PRO A 3 -30.69 15.82 -11.72
CA PRO A 3 -29.31 15.28 -11.64
C PRO A 3 -29.29 13.86 -11.05
N LYS A 4 -28.91 12.87 -11.85
CA LYS A 4 -28.94 11.45 -11.41
C LYS A 4 -27.66 11.11 -10.65
N SER A 5 -27.81 10.49 -9.48
N SER A 5 -27.84 10.56 -9.45
CA SER A 5 -26.68 10.18 -8.55
CA SER A 5 -26.75 10.14 -8.53
C SER A 5 -26.58 8.66 -8.33
C SER A 5 -26.53 8.63 -8.68
N MET A 6 -25.34 8.15 -8.28
CA MET A 6 -25.04 6.71 -8.14
C MET A 6 -24.57 6.52 -6.70
N GLN A 7 -25.02 5.44 -6.09
CA GLN A 7 -24.58 5.06 -4.74
C GLN A 7 -23.16 4.50 -4.82
N CYS A 8 -22.26 4.99 -3.97
CA CYS A 8 -20.89 4.45 -3.83
C CYS A 8 -20.74 3.76 -2.48
N LYS A 9 -20.12 2.59 -2.44
CA LYS A 9 -19.74 1.88 -1.21
C LYS A 9 -18.21 1.78 -1.16
N VAL A 10 -17.65 2.28 -0.07
CA VAL A 10 -16.18 2.33 0.11
C VAL A 10 -15.84 1.56 1.36
N ILE A 11 -14.97 0.54 1.23
CA ILE A 11 -14.42 -0.20 2.40
C ILE A 11 -13.31 0.66 2.98
N LEU A 12 -13.46 1.08 4.22
CA LEU A 12 -12.45 1.88 4.97
C LEU A 12 -11.42 0.95 5.59
N LEU A 13 -10.31 1.53 6.03
CA LEU A 13 -9.14 0.74 6.46
C LEU A 13 -9.44 0.03 7.79
N ASP A 14 -10.45 0.48 8.56
CA ASP A 14 -10.89 -0.24 9.79
C ASP A 14 -11.87 -1.37 9.45
N GLY A 15 -12.10 -1.64 8.16
CA GLY A 15 -13.03 -2.70 7.71
C GLY A 15 -14.48 -2.24 7.62
N SER A 16 -14.81 -1.03 8.07
CA SER A 16 -16.20 -0.51 7.98
C SER A 16 -16.47 -0.04 6.54
N GLU A 17 -17.75 0.16 6.24
CA GLU A 17 -18.27 0.55 4.90
C GLU A 17 -18.83 1.97 4.98
N TYR A 18 -18.32 2.89 4.17
CA TYR A 18 -18.89 4.24 3.99
C TYR A 18 -19.72 4.22 2.71
N THR A 19 -20.95 4.73 2.78
CA THR A 19 -21.87 4.84 1.65
C THR A 19 -22.12 6.32 1.39
N CYS A 20 -22.04 6.74 0.13
CA CYS A 20 -22.43 8.11 -0.30
C CYS A 20 -22.93 8.09 -1.74
N ASP A 21 -23.38 9.23 -2.22
CA ASP A 21 -23.92 9.35 -3.59
C ASP A 21 -23.08 10.41 -4.28
N VAL A 22 -22.78 10.19 -5.54
CA VAL A 22 -22.19 11.22 -6.45
C VAL A 22 -23.02 11.25 -7.73
N GLU A 23 -23.01 12.38 -8.42
CA GLU A 23 -23.64 12.51 -9.76
C GLU A 23 -22.98 11.45 -10.66
N LYS A 24 -23.73 10.81 -11.55
CA LYS A 24 -23.26 9.59 -12.27
C LYS A 24 -22.08 9.91 -13.21
N ARG A 25 -21.92 11.16 -13.67
CA ARG A 25 -20.76 11.56 -14.52
C ARG A 25 -19.60 12.12 -13.65
N SER A 26 -19.65 11.92 -12.34
CA SER A 26 -18.60 12.42 -11.42
C SER A 26 -17.21 11.85 -11.75
N ARG A 27 -16.18 12.65 -11.54
CA ARG A 27 -14.76 12.26 -11.61
C ARG A 27 -14.39 11.59 -10.28
N GLY A 28 -13.35 10.76 -10.27
CA GLY A 28 -12.97 10.02 -9.06
C GLY A 28 -12.68 10.96 -7.90
N GLN A 29 -12.13 12.16 -8.20
CA GLN A 29 -11.73 13.12 -7.15
C GLN A 29 -12.96 13.46 -6.29
N VAL A 30 -14.14 13.56 -6.90
CA VAL A 30 -15.40 13.92 -6.18
C VAL A 30 -15.61 12.92 -5.04
N LEU A 31 -15.68 11.63 -5.35
CA LEU A 31 -15.86 10.55 -4.32
C LEU A 31 -14.70 10.59 -3.32
N PHE A 32 -13.49 10.72 -3.77
CA PHE A 32 -12.31 10.71 -2.88
C PHE A 32 -12.41 11.86 -1.86
N ASP A 33 -12.78 13.06 -2.32
CA ASP A 33 -12.95 14.24 -1.43
C ASP A 33 -13.99 13.91 -0.37
N LYS A 34 -15.12 13.29 -0.75
CA LYS A 34 -16.17 12.89 0.23
C LYS A 34 -15.58 11.90 1.25
N VAL A 35 -14.82 10.90 0.79
CA VAL A 35 -14.30 9.88 1.73
C VAL A 35 -13.31 10.55 2.70
N CYS A 36 -12.40 11.33 2.16
CA CYS A 36 -11.38 12.04 2.96
C CYS A 36 -12.03 13.00 3.98
N GLU A 37 -13.06 13.74 3.60
CA GLU A 37 -13.79 14.57 4.59
C GLU A 37 -14.39 13.68 5.69
N HIS A 38 -15.07 12.60 5.33
CA HIS A 38 -15.59 11.61 6.30
C HIS A 38 -14.46 11.18 7.25
N LEU A 39 -13.25 11.00 6.73
CA LEU A 39 -12.15 10.43 7.55
C LEU A 39 -11.43 11.55 8.33
N ASN A 40 -11.79 12.83 8.15
CA ASN A 40 -11.05 14.00 8.71
C ASN A 40 -9.58 13.96 8.27
N LEU A 41 -9.35 13.56 7.03
CA LEU A 41 -7.99 13.41 6.45
C LEU A 41 -7.68 14.63 5.59
N LEU A 42 -6.58 15.32 5.93
CA LEU A 42 -6.07 16.50 5.18
C LEU A 42 -4.90 16.14 4.29
N GLU A 43 -4.00 15.26 4.74
CA GLU A 43 -2.82 14.86 3.97
C GLU A 43 -3.26 13.78 2.98
N LYS A 44 -4.08 14.16 2.03
CA LYS A 44 -4.80 13.22 1.12
C LYS A 44 -3.90 12.65 0.00
N ASP A 45 -2.79 13.31 -0.32
CA ASP A 45 -1.87 13.00 -1.45
C ASP A 45 -1.31 11.56 -1.38
N TYR A 46 -1.19 10.98 -0.18
CA TYR A 46 -0.62 9.63 0.00
C TYR A 46 -1.66 8.54 -0.31
N PHE A 47 -2.93 8.89 -0.48
CA PHE A 47 -4.03 7.89 -0.48
C PHE A 47 -4.77 7.88 -1.82
N GLY A 48 -5.65 6.91 -2.00
CA GLY A 48 -6.51 6.81 -3.18
C GLY A 48 -7.57 5.77 -2.95
N LEU A 49 -8.37 5.57 -3.97
CA LEU A 49 -9.44 4.55 -3.96
C LEU A 49 -9.06 3.53 -5.02
N THR A 50 -9.27 2.26 -4.69
CA THR A 50 -9.12 1.15 -5.62
C THR A 50 -10.51 0.61 -5.92
N TYR A 51 -10.60 -0.07 -7.05
CA TYR A 51 -11.78 -0.87 -7.42
C TYR A 51 -11.27 -2.13 -8.11
N ARG A 52 -12.16 -3.12 -8.26
CA ARG A 52 -11.85 -4.42 -8.91
C ARG A 52 -12.40 -4.38 -10.33
N ASP A 53 -11.58 -4.66 -11.34
CA ASP A 53 -11.96 -4.54 -12.77
C ASP A 53 -12.67 -5.84 -13.14
N ALA A 54 -13.06 -5.94 -14.43
CA ALA A 54 -13.87 -7.06 -14.96
C ALA A 54 -13.01 -8.35 -14.95
N GLU A 55 -11.68 -8.22 -14.80
CA GLU A 55 -10.76 -9.38 -14.63
C GLU A 55 -10.50 -9.63 -13.12
N ASN A 56 -11.20 -8.89 -12.24
CA ASN A 56 -11.05 -8.91 -10.75
C ASN A 56 -9.65 -8.41 -10.30
N GLN A 57 -9.00 -7.55 -11.08
CA GLN A 57 -7.67 -6.99 -10.67
C GLN A 57 -7.94 -5.68 -9.90
N LYS A 58 -7.15 -5.42 -8.86
CA LYS A 58 -7.15 -4.11 -8.16
C LYS A 58 -6.64 -3.07 -9.13
N ASN A 59 -7.39 -2.00 -9.29
CA ASN A 59 -6.99 -0.84 -10.10
C ASN A 59 -7.11 0.40 -9.22
N TRP A 60 -6.24 1.38 -9.38
CA TRP A 60 -6.42 2.72 -8.80
C TRP A 60 -7.53 3.46 -9.55
N LEU A 61 -8.51 4.00 -8.83
CA LEU A 61 -9.48 4.96 -9.38
C LEU A 61 -8.72 6.24 -9.76
N ASP A 62 -8.71 6.60 -11.05
CA ASP A 62 -8.05 7.87 -11.49
C ASP A 62 -8.93 9.05 -11.11
N PRO A 63 -8.46 9.95 -10.23
CA PRO A 63 -9.28 11.04 -9.73
C PRO A 63 -9.70 12.02 -10.82
N ALA A 64 -8.94 12.08 -11.91
CA ALA A 64 -9.17 13.02 -13.03
C ALA A 64 -10.17 12.48 -14.05
N LYS A 65 -10.53 11.20 -14.00
CA LYS A 65 -11.40 10.58 -15.03
C LYS A 65 -12.78 10.24 -14.44
N GLU A 66 -13.79 10.15 -15.29
CA GLU A 66 -15.14 9.79 -14.83
C GLU A 66 -15.06 8.41 -14.12
N ILE A 67 -15.76 8.27 -13.02
CA ILE A 67 -15.87 6.98 -12.29
C ILE A 67 -16.49 5.93 -13.22
N LYS A 68 -17.53 6.32 -13.97
CA LYS A 68 -18.28 5.33 -14.81
C LYS A 68 -17.37 4.81 -15.92
N LYS A 69 -16.39 5.56 -16.40
CA LYS A 69 -15.52 5.09 -17.51
C LYS A 69 -14.38 4.24 -16.96
N GLN A 70 -14.32 4.06 -15.64
CA GLN A 70 -13.31 3.19 -15.00
C GLN A 70 -13.98 1.91 -14.53
N VAL A 71 -15.04 2.01 -13.72
CA VAL A 71 -15.75 0.82 -13.16
C VAL A 71 -16.48 0.12 -14.31
N ARG A 72 -16.86 0.91 -15.34
N ARG A 72 -16.87 0.90 -15.33
CA ARG A 72 -17.49 0.43 -16.61
CA ARG A 72 -17.48 0.43 -16.62
C ARG A 72 -18.70 -0.44 -16.25
C ARG A 72 -18.71 -0.44 -16.31
N SER A 73 -18.57 -1.76 -16.37
CA SER A 73 -19.69 -2.71 -16.19
C SER A 73 -19.84 -3.09 -14.72
N GLY A 74 -18.81 -2.84 -13.89
CA GLY A 74 -18.76 -3.29 -12.47
C GLY A 74 -19.54 -2.41 -11.51
N ALA A 75 -19.66 -2.90 -10.28
CA ALA A 75 -20.36 -2.27 -9.15
C ALA A 75 -19.56 -1.02 -8.76
N TRP A 76 -20.22 -0.01 -8.22
CA TRP A 76 -19.56 1.20 -7.68
C TRP A 76 -19.12 0.91 -6.24
N HIS A 77 -18.20 -0.03 -6.11
CA HIS A 77 -17.66 -0.52 -4.83
C HIS A 77 -16.16 -0.25 -4.89
N PHE A 78 -15.63 0.27 -3.80
CA PHE A 78 -14.24 0.75 -3.76
C PHE A 78 -13.63 0.40 -2.41
N SER A 79 -12.31 0.48 -2.32
CA SER A 79 -11.58 0.49 -1.03
C SER A 79 -10.79 1.77 -0.93
N PHE A 80 -10.59 2.25 0.28
CA PHE A 80 -9.70 3.38 0.60
C PHE A 80 -8.35 2.81 1.01
N ASN A 81 -7.27 3.26 0.36
CA ASN A 81 -5.93 2.64 0.53
C ASN A 81 -4.83 3.69 0.48
N VAL A 82 -3.72 3.33 1.06
CA VAL A 82 -2.46 4.11 0.88
C VAL A 82 -1.99 3.83 -0.55
N LYS A 83 -1.69 4.88 -1.30
CA LYS A 83 -1.21 4.73 -2.69
C LYS A 83 0.31 4.95 -2.69
N PHE A 84 0.76 5.97 -1.98
CA PHE A 84 2.20 6.32 -1.90
C PHE A 84 2.65 6.22 -0.43
N TYR A 85 3.43 5.19 -0.11
CA TYR A 85 3.86 4.93 1.28
C TYR A 85 5.00 5.90 1.61
N PRO A 86 4.82 6.84 2.55
CA PRO A 86 5.90 7.79 2.88
C PRO A 86 7.16 7.08 3.38
N PRO A 87 8.35 7.31 2.79
CA PRO A 87 9.57 6.71 3.31
C PRO A 87 9.88 7.13 4.75
N ASP A 88 9.46 8.32 5.14
CA ASP A 88 9.68 8.82 6.52
C ASP A 88 8.38 9.33 7.11
N PRO A 89 7.58 8.41 7.69
CA PRO A 89 6.27 8.76 8.23
C PRO A 89 6.33 9.82 9.33
N ALA A 90 7.45 9.95 10.04
CA ALA A 90 7.68 11.01 11.06
C ALA A 90 7.51 12.41 10.46
N GLN A 91 7.71 12.56 9.15
CA GLN A 91 7.62 13.91 8.52
C GLN A 91 6.19 14.22 8.08
N LEU A 92 5.23 13.30 8.20
CA LEU A 92 3.83 13.68 7.91
C LEU A 92 3.40 14.73 8.94
N SER A 93 2.55 15.67 8.56
CA SER A 93 2.21 16.78 9.46
C SER A 93 1.16 16.35 10.50
N GLU A 94 0.33 15.32 10.23
CA GLU A 94 -0.78 15.02 11.16
C GLU A 94 -0.66 13.59 11.68
N ASP A 95 -0.98 13.42 12.96
CA ASP A 95 -1.12 12.12 13.59
C ASP A 95 -2.21 11.33 12.84
N ILE A 96 -3.30 11.94 12.40
CA ILE A 96 -4.41 11.10 11.83
C ILE A 96 -3.92 10.45 10.53
N THR A 97 -2.97 11.10 9.85
CA THR A 97 -2.36 10.56 8.61
C THR A 97 -1.61 9.30 8.99
N ARG A 98 -0.81 9.39 10.04
CA ARG A 98 0.01 8.25 10.51
C ARG A 98 -0.93 7.11 10.92
N TYR A 99 -2.05 7.45 11.55
CA TYR A 99 -3.09 6.45 11.98
C TYR A 99 -3.59 5.66 10.77
N TYR A 100 -4.07 6.31 9.73
CA TYR A 100 -4.53 5.59 8.52
C TYR A 100 -3.39 4.78 7.92
N LEU A 101 -2.16 5.33 7.88
CA LEU A 101 -1.03 4.56 7.35
C LEU A 101 -0.81 3.28 8.21
N CYS A 102 -0.95 3.35 9.54
CA CYS A 102 -0.84 2.16 10.41
C CYS A 102 -1.93 1.16 10.02
N LEU A 103 -3.16 1.62 9.82
CA LEU A 103 -4.25 0.68 9.51
C LEU A 103 -3.92 -0.04 8.20
N GLN A 104 -3.41 0.67 7.20
CA GLN A 104 -3.08 0.05 5.90
C GLN A 104 -2.02 -1.04 6.13
N LEU A 105 -0.96 -0.66 6.86
CA LEU A 105 0.18 -1.55 7.09
C LEU A 105 -0.28 -2.79 7.85
N ARG A 106 -1.18 -2.65 8.83
CA ARG A 106 -1.71 -3.84 9.54
C ARG A 106 -2.32 -4.81 8.52
N ASP A 107 -3.05 -4.31 7.53
CA ASP A 107 -3.68 -5.17 6.48
C ASP A 107 -2.59 -5.72 5.55
N ASP A 108 -1.57 -4.95 5.25
CA ASP A 108 -0.42 -5.39 4.45
C ASP A 108 0.21 -6.59 5.17
N ILE A 109 0.29 -6.53 6.49
CA ILE A 109 0.97 -7.59 7.27
C ILE A 109 0.08 -8.82 7.31
N VAL A 110 -1.18 -8.66 7.72
CA VAL A 110 -2.12 -9.79 7.95
C VAL A 110 -2.28 -10.53 6.61
N SER A 111 -2.34 -9.77 5.51
CA SER A 111 -2.57 -10.29 4.14
C SER A 111 -1.34 -11.06 3.65
N GLY A 112 -0.18 -10.79 4.24
CA GLY A 112 1.12 -11.34 3.79
C GLY A 112 1.74 -10.57 2.66
N ARG A 113 1.20 -9.42 2.24
CA ARG A 113 1.87 -8.54 1.24
C ARG A 113 3.17 -7.96 1.82
N LEU A 114 3.24 -7.83 3.14
CA LEU A 114 4.42 -7.24 3.85
C LEU A 114 5.00 -8.30 4.78
N PRO A 115 5.93 -9.13 4.29
CA PRO A 115 6.51 -10.17 5.11
C PRO A 115 7.25 -9.52 6.27
N CYS A 116 7.35 -10.25 7.38
N CYS A 116 7.16 -10.16 7.43
CA CYS A 116 7.77 -9.72 8.68
CA CYS A 116 7.75 -9.75 8.73
C CYS A 116 8.25 -10.88 9.56
C CYS A 116 8.38 -10.97 9.41
N SER A 117 9.41 -10.72 10.22
CA SER A 117 9.95 -11.71 11.18
C SER A 117 8.95 -11.83 12.35
N PHE A 118 9.02 -12.96 13.03
CA PHE A 118 8.29 -13.21 14.28
C PHE A 118 8.43 -12.03 15.24
N VAL A 119 9.66 -11.58 15.52
CA VAL A 119 9.86 -10.53 16.54
C VAL A 119 9.20 -9.23 16.05
N THR A 120 9.33 -8.89 14.77
CA THR A 120 8.74 -7.63 14.26
C THR A 120 7.22 -7.75 14.24
N LEU A 121 6.66 -8.90 13.88
CA LEU A 121 5.20 -9.10 14.01
C LEU A 121 4.75 -8.81 15.46
N ALA A 122 5.42 -9.38 16.46
CA ALA A 122 5.08 -9.19 17.90
C ALA A 122 5.27 -7.72 18.28
N LEU A 123 6.36 -7.08 17.83
CA LEU A 123 6.60 -5.67 18.21
C LEU A 123 5.54 -4.76 17.60
N LEU A 124 5.25 -4.89 16.31
CA LEU A 124 4.17 -4.11 15.63
C LEU A 124 2.84 -4.38 16.36
N GLY A 125 2.51 -5.63 16.62
CA GLY A 125 1.30 -6.00 17.35
C GLY A 125 1.22 -5.29 18.69
N SER A 126 2.33 -5.29 19.46
CA SER A 126 2.40 -4.63 20.79
C SER A 126 2.09 -3.13 20.71
N TYR A 127 2.57 -2.43 19.69
CA TYR A 127 2.30 -0.98 19.50
C TYR A 127 0.81 -0.80 19.14
N THR A 128 0.27 -1.67 18.30
CA THR A 128 -1.18 -1.59 17.94
C THR A 128 -1.97 -1.72 19.23
N VAL A 129 -1.70 -2.75 20.03
CA VAL A 129 -2.46 -2.97 21.29
C VAL A 129 -2.30 -1.74 22.17
N GLN A 130 -1.09 -1.21 22.30
CA GLN A 130 -0.86 -0.04 23.18
C GLN A 130 -1.73 1.12 22.68
N SER A 131 -1.70 1.41 21.38
N SER A 131 -1.74 1.38 21.37
CA SER A 131 -2.50 2.48 20.75
CA SER A 131 -2.48 2.49 20.73
C SER A 131 -3.99 2.22 20.98
C SER A 131 -4.00 2.24 20.83
N GLU A 132 -4.45 0.98 20.77
CA GLU A 132 -5.91 0.64 20.78
C GLU A 132 -6.45 0.49 22.21
N LEU A 133 -5.73 -0.17 23.13
CA LEU A 133 -6.28 -0.52 24.47
C LEU A 133 -5.59 0.32 25.54
N GLY A 134 -4.46 0.95 25.24
CA GLY A 134 -3.70 1.66 26.28
C GLY A 134 -2.82 0.70 27.06
N ASP A 135 -2.55 1.01 28.32
CA ASP A 135 -1.55 0.29 29.13
C ASP A 135 -1.98 -1.15 29.32
N TYR A 136 -1.00 -2.03 29.36
CA TYR A 136 -1.19 -3.45 29.70
C TYR A 136 -2.04 -3.55 30.98
N ASP A 137 -3.08 -4.38 30.91
CA ASP A 137 -3.93 -4.78 32.06
C ASP A 137 -3.96 -6.30 32.17
N PRO A 138 -3.43 -6.87 33.27
CA PRO A 138 -3.50 -8.33 33.47
C PRO A 138 -4.93 -8.87 33.61
N ASP A 139 -5.91 -8.02 33.92
CA ASP A 139 -7.34 -8.42 34.12
C ASP A 139 -7.94 -8.91 32.81
N GLU A 140 -7.45 -8.42 31.66
CA GLU A 140 -7.93 -8.79 30.30
C GLU A 140 -6.91 -9.69 29.60
N CYS A 141 -6.26 -10.59 30.35
CA CYS A 141 -5.17 -11.45 29.84
C CYS A 141 -4.64 -12.38 30.93
N GLY A 142 -5.07 -13.65 30.90
CA GLY A 142 -4.45 -14.75 31.65
C GLY A 142 -3.42 -15.42 30.79
N SER A 143 -2.88 -16.56 31.25
CA SER A 143 -1.85 -17.36 30.54
C SER A 143 -2.41 -17.85 29.18
N ASP A 144 -3.73 -17.81 28.98
CA ASP A 144 -4.41 -18.39 27.78
C ASP A 144 -4.97 -17.28 26.87
N TYR A 145 -4.47 -16.04 26.98
CA TYR A 145 -5.01 -14.87 26.24
C TYR A 145 -4.74 -14.98 24.73
N ILE A 146 -5.79 -14.77 23.92
CA ILE A 146 -5.71 -14.54 22.46
C ILE A 146 -6.43 -13.23 22.10
N SER A 147 -5.71 -12.27 21.53
CA SER A 147 -6.20 -10.91 21.17
C SER A 147 -7.23 -11.00 20.05
N GLU A 148 -8.17 -10.05 20.03
CA GLU A 148 -9.11 -9.92 18.89
C GLU A 148 -8.32 -9.40 17.68
N PHE A 149 -7.17 -8.73 17.93
CA PHE A 149 -6.35 -8.09 16.87
C PHE A 149 -5.69 -9.23 16.11
N ARG A 150 -5.87 -9.12 14.82
CA ARG A 150 -5.14 -9.81 13.74
C ARG A 150 -3.79 -9.10 13.62
N PHE A 151 -2.72 -9.84 13.88
CA PHE A 151 -1.31 -9.41 13.86
C PHE A 151 -0.50 -10.01 12.73
N ALA A 152 -0.95 -11.09 12.09
CA ALA A 152 -0.06 -11.88 11.21
C ALA A 152 -0.89 -12.73 10.26
N PRO A 153 -0.26 -13.17 9.17
CA PRO A 153 -0.91 -14.08 8.23
C PRO A 153 -1.28 -15.41 8.91
N ASN A 154 -0.50 -15.83 9.88
CA ASN A 154 -0.78 -17.05 10.68
C ASN A 154 -0.45 -16.75 12.14
N HIS A 155 -1.43 -16.91 12.99
CA HIS A 155 -1.33 -16.66 14.44
C HIS A 155 -0.90 -17.94 15.15
N THR A 156 -0.01 -17.78 16.13
CA THR A 156 0.40 -18.85 17.04
C THR A 156 0.27 -18.35 18.47
N LYS A 157 0.16 -19.26 19.42
CA LYS A 157 0.11 -18.88 20.85
C LYS A 157 1.41 -18.18 21.22
N GLU A 158 2.55 -18.64 20.72
CA GLU A 158 3.88 -18.00 20.97
C GLU A 158 3.82 -16.51 20.55
N LEU A 159 3.23 -16.24 19.39
CA LEU A 159 3.17 -14.84 18.88
C LEU A 159 2.27 -14.03 19.82
N GLU A 160 1.13 -14.57 20.22
CA GLU A 160 0.24 -13.87 21.19
C GLU A 160 0.98 -13.54 22.47
N ASP A 161 1.76 -14.50 22.99
CA ASP A 161 2.52 -14.32 24.24
C ASP A 161 3.54 -13.18 24.05
N LYS A 162 4.19 -13.12 22.89
CA LYS A 162 5.29 -12.17 22.70
C LYS A 162 4.70 -10.76 22.58
N VAL A 163 3.54 -10.64 21.91
CA VAL A 163 2.78 -9.36 21.86
C VAL A 163 2.56 -8.86 23.28
N ILE A 164 2.05 -9.69 24.17
CA ILE A 164 1.74 -9.27 25.56
C ILE A 164 3.03 -8.86 26.26
N GLU A 165 4.10 -9.67 26.15
CA GLU A 165 5.37 -9.38 26.85
C GLU A 165 5.84 -7.99 26.41
N LEU A 166 5.78 -7.67 25.13
CA LEU A 166 6.27 -6.34 24.65
C LEU A 166 5.26 -5.24 25.03
N HIS A 167 3.97 -5.56 25.03
CA HIS A 167 2.91 -4.60 25.43
C HIS A 167 3.19 -4.15 26.88
N LYS A 168 3.63 -5.07 27.72
CA LYS A 168 3.92 -4.72 29.13
C LYS A 168 4.97 -3.61 29.17
N SER A 169 5.91 -3.58 28.23
CA SER A 169 7.06 -2.65 28.27
C SER A 169 6.60 -1.24 27.87
N HIS A 170 5.41 -1.07 27.29
CA HIS A 170 5.00 0.23 26.70
C HIS A 170 4.14 1.10 27.63
N ARG A 171 4.10 0.81 28.93
CA ARG A 171 3.24 1.54 29.90
C ARG A 171 3.46 3.06 29.74
N GLY A 172 2.37 3.82 29.63
CA GLY A 172 2.34 5.28 29.60
C GLY A 172 2.47 5.83 28.19
N MET A 173 2.58 4.95 27.18
CA MET A 173 2.74 5.37 25.78
C MET A 173 1.36 5.82 25.28
N THR A 174 1.30 6.95 24.62
CA THR A 174 0.05 7.51 24.06
C THR A 174 -0.18 6.92 22.66
N PRO A 175 -1.42 6.95 22.16
CA PRO A 175 -1.72 6.37 20.84
C PRO A 175 -0.85 6.92 19.72
N ALA A 176 -0.63 8.23 19.65
CA ALA A 176 0.22 8.84 18.59
C ALA A 176 1.67 8.34 18.73
N GLU A 177 2.15 8.23 19.96
CA GLU A 177 3.51 7.73 20.24
C GLU A 177 3.65 6.26 19.76
N ALA A 178 2.72 5.39 20.14
CA ALA A 178 2.73 3.96 19.77
C ALA A 178 2.65 3.84 18.24
N GLU A 179 1.79 4.63 17.60
CA GLU A 179 1.64 4.60 16.12
C GLU A 179 2.96 5.04 15.49
N MET A 180 3.62 6.04 16.05
CA MET A 180 4.90 6.50 15.44
C MET A 180 5.94 5.37 15.57
N HIS A 181 6.02 4.71 16.72
CA HIS A 181 6.92 3.53 16.89
C HIS A 181 6.57 2.42 15.89
N PHE A 182 5.30 2.16 15.74
CA PHE A 182 4.85 1.14 14.77
C PHE A 182 5.48 1.46 13.42
N LEU A 183 5.34 2.71 12.98
CA LEU A 183 5.81 3.16 11.66
C LEU A 183 7.33 3.15 11.56
N GLU A 184 8.02 3.55 12.62
CA GLU A 184 9.51 3.56 12.63
C GLU A 184 10.04 2.14 12.37
N ASN A 185 9.34 1.11 12.87
CA ASN A 185 9.72 -0.31 12.64
C ASN A 185 9.24 -0.76 11.26
N ALA A 186 7.99 -0.50 10.90
CA ALA A 186 7.40 -1.03 9.65
C ALA A 186 8.18 -0.51 8.44
N LYS A 187 8.61 0.76 8.47
CA LYS A 187 9.18 1.48 7.31
C LYS A 187 10.51 0.83 6.92
N LYS A 188 11.12 0.05 7.82
CA LYS A 188 12.44 -0.56 7.58
C LYS A 188 12.31 -1.90 6.87
N LEU A 189 11.11 -2.48 6.84
CA LEU A 189 10.91 -3.82 6.28
C LEU A 189 11.18 -3.76 4.76
N SER A 190 11.86 -4.76 4.25
CA SER A 190 12.34 -4.74 2.85
C SER A 190 11.17 -4.64 1.85
N MET A 191 9.95 -5.08 2.19
CA MET A 191 8.80 -4.97 1.26
C MET A 191 7.88 -3.81 1.64
N TYR A 192 8.30 -2.91 2.55
CA TYR A 192 7.48 -1.71 2.89
C TYR A 192 7.16 -0.87 1.65
N GLY A 193 5.88 -0.68 1.38
CA GLY A 193 5.38 0.17 0.28
C GLY A 193 5.75 -0.38 -1.10
N VAL A 194 6.09 -1.67 -1.22
CA VAL A 194 6.43 -2.27 -2.54
C VAL A 194 5.17 -2.87 -3.13
N ASP A 195 4.74 -2.34 -4.28
CA ASP A 195 3.61 -2.87 -5.07
C ASP A 195 4.21 -3.89 -6.06
N LEU A 196 3.86 -5.17 -5.91
CA LEU A 196 4.48 -6.29 -6.68
C LEU A 196 3.63 -6.63 -7.90
N HIS A 197 4.27 -6.80 -9.05
CA HIS A 197 3.60 -7.17 -10.32
C HIS A 197 4.29 -8.39 -10.89
N HIS A 198 3.54 -9.47 -11.15
CA HIS A 198 4.03 -10.67 -11.89
C HIS A 198 4.42 -10.29 -13.32
N ALA A 199 5.57 -10.75 -13.79
CA ALA A 199 6.07 -10.52 -15.16
C ALA A 199 7.01 -11.63 -15.58
N LYS A 200 7.37 -11.65 -16.87
CA LYS A 200 8.46 -12.49 -17.41
C LYS A 200 9.52 -11.54 -17.95
N ASP A 201 10.79 -11.91 -17.80
CA ASP A 201 11.91 -11.12 -18.37
C ASP A 201 11.93 -11.43 -19.87
N SER A 202 12.83 -10.78 -20.62
CA SER A 202 13.04 -10.92 -22.09
C SER A 202 13.37 -12.36 -22.49
N GLU A 203 13.66 -13.24 -21.53
CA GLU A 203 14.00 -14.67 -21.77
C GLU A 203 12.83 -15.58 -21.39
N GLY A 204 11.71 -15.05 -20.88
CA GLY A 204 10.53 -15.84 -20.48
C GLY A 204 10.59 -16.34 -19.04
N VAL A 205 11.62 -15.97 -18.28
CA VAL A 205 11.80 -16.40 -16.86
C VAL A 205 10.86 -15.52 -16.02
N GLU A 206 10.10 -16.16 -15.13
CA GLU A 206 9.08 -15.52 -14.26
C GLU A 206 9.80 -14.68 -13.22
N ILE A 207 9.49 -13.39 -13.15
CA ILE A 207 10.06 -12.46 -12.15
C ILE A 207 8.90 -11.72 -11.48
N MET A 208 9.23 -10.90 -10.49
CA MET A 208 8.30 -9.91 -9.90
C MET A 208 8.96 -8.55 -10.09
N LEU A 209 8.16 -7.58 -10.51
CA LEU A 209 8.57 -6.17 -10.53
C LEU A 209 7.96 -5.45 -9.33
N GLY A 210 8.75 -4.76 -8.52
CA GLY A 210 8.20 -4.04 -7.35
C GLY A 210 8.29 -2.56 -7.62
N VAL A 211 7.23 -1.82 -7.34
CA VAL A 211 7.20 -0.35 -7.55
C VAL A 211 7.15 0.28 -6.15
N CYS A 212 8.03 1.21 -5.87
CA CYS A 212 8.07 1.85 -4.54
C CYS A 212 8.76 3.20 -4.66
N ALA A 213 8.87 3.92 -3.55
CA ALA A 213 9.46 5.28 -3.48
C ALA A 213 10.86 5.31 -4.13
N SER A 214 11.68 4.30 -3.85
CA SER A 214 13.13 4.36 -4.17
C SER A 214 13.35 3.96 -5.64
N GLY A 215 12.41 3.24 -6.23
CA GLY A 215 12.49 2.96 -7.68
C GLY A 215 11.73 1.71 -8.08
N LEU A 216 12.24 1.05 -9.10
CA LEU A 216 11.66 -0.21 -9.62
C LEU A 216 12.63 -1.32 -9.21
N LEU A 217 12.09 -2.38 -8.64
CA LEU A 217 12.86 -3.54 -8.16
C LEU A 217 12.51 -4.70 -9.10
N ILE A 218 13.50 -5.50 -9.47
CA ILE A 218 13.34 -6.68 -10.38
C ILE A 218 13.86 -7.91 -9.62
N TYR A 219 12.93 -8.66 -9.02
CA TYR A 219 13.20 -9.86 -8.19
C TYR A 219 13.21 -11.08 -9.10
N ARG A 220 14.41 -11.63 -9.36
CA ARG A 220 14.64 -12.77 -10.30
C ARG A 220 14.67 -14.06 -9.48
N ASP A 221 15.48 -14.10 -8.43
CA ASP A 221 15.48 -15.14 -7.36
C ASP A 221 16.09 -14.52 -6.10
N ARG A 222 16.32 -15.32 -5.05
CA ARG A 222 16.87 -14.87 -3.75
C ARG A 222 18.26 -14.23 -3.97
N LEU A 223 19.03 -14.77 -4.93
CA LEU A 223 20.32 -14.19 -5.40
C LEU A 223 20.03 -13.12 -6.45
N ARG A 224 20.89 -12.10 -6.54
CA ARG A 224 20.78 -10.92 -7.46
C ARG A 224 19.32 -10.44 -7.59
N ILE A 225 18.96 -9.42 -6.79
CA ILE A 225 17.76 -8.55 -7.01
C ILE A 225 18.27 -7.27 -7.69
N ASN A 226 17.87 -7.04 -8.95
CA ASN A 226 18.20 -5.80 -9.71
C ASN A 226 17.36 -4.65 -9.16
N ARG A 227 18.00 -3.50 -8.90
CA ARG A 227 17.37 -2.27 -8.35
C ARG A 227 17.72 -1.10 -9.27
N PHE A 228 16.73 -0.26 -9.57
CA PHE A 228 16.88 0.91 -10.48
C PHE A 228 16.12 2.11 -9.88
N ALA A 229 16.90 3.04 -9.30
CA ALA A 229 16.46 4.27 -8.61
C ALA A 229 15.72 5.14 -9.63
N TRP A 230 14.66 5.83 -9.22
CA TRP A 230 13.82 6.61 -10.15
C TRP A 230 14.69 7.53 -11.02
N PRO A 231 15.71 8.24 -10.47
CA PRO A 231 16.56 9.10 -11.31
C PRO A 231 17.29 8.37 -12.45
N LYS A 232 17.53 7.06 -12.32
CA LYS A 232 18.16 6.23 -13.38
C LYS A 232 17.13 5.85 -14.48
N VAL A 233 15.86 6.29 -14.39
CA VAL A 233 14.74 5.92 -15.31
C VAL A 233 14.28 7.17 -16.06
N LEU A 234 14.37 7.20 -17.40
CA LEU A 234 14.00 8.39 -18.21
C LEU A 234 12.62 8.24 -18.87
N LYS A 235 12.31 7.03 -19.30
CA LYS A 235 11.06 6.74 -20.01
C LYS A 235 10.56 5.38 -19.56
N ILE A 236 9.26 5.35 -19.29
CA ILE A 236 8.48 4.13 -18.96
C ILE A 236 7.47 3.99 -20.09
N SER A 237 7.38 2.81 -20.71
CA SER A 237 6.43 2.63 -21.84
C SER A 237 5.82 1.24 -21.81
N TYR A 238 4.68 1.08 -22.47
CA TYR A 238 4.05 -0.25 -22.68
C TYR A 238 3.64 -0.36 -24.14
N LYS A 239 3.60 -1.58 -24.63
CA LYS A 239 3.06 -1.84 -25.99
C LYS A 239 2.60 -3.29 -26.00
N ARG A 240 1.33 -3.52 -26.36
CA ARG A 240 0.68 -4.84 -26.30
C ARG A 240 0.82 -5.37 -24.86
N ASN A 241 1.46 -6.52 -24.67
CA ASN A 241 1.63 -7.17 -23.36
C ASN A 241 2.99 -6.79 -22.77
N ASN A 242 3.66 -5.81 -23.34
CA ASN A 242 5.08 -5.54 -23.00
C ASN A 242 5.23 -4.23 -22.24
N PHE A 243 6.15 -4.27 -21.28
CA PHE A 243 6.51 -3.12 -20.43
C PHE A 243 8.01 -2.88 -20.64
N TYR A 244 8.39 -1.66 -20.97
CA TYR A 244 9.82 -1.27 -21.21
C TYR A 244 10.20 -0.10 -20.29
N ILE A 245 11.43 -0.11 -19.75
CA ILE A 245 12.00 1.10 -19.09
C ILE A 245 13.29 1.51 -19.80
N LYS A 246 13.44 2.80 -20.03
CA LYS A 246 14.64 3.42 -20.65
C LYS A 246 15.57 3.87 -19.50
N ILE A 247 16.60 3.06 -19.21
CA ILE A 247 17.67 3.28 -18.16
C ILE A 247 18.72 4.25 -18.72
N ARG A 248 19.02 5.33 -17.99
CA ARG A 248 19.86 6.44 -18.51
C ARG A 248 21.29 5.95 -18.68
N PRO A 249 22.08 6.56 -19.59
CA PRO A 249 23.47 6.17 -19.82
C PRO A 249 24.28 6.37 -18.53
N GLY A 250 24.98 5.32 -18.06
CA GLY A 250 26.09 5.46 -17.10
C GLY A 250 27.11 6.48 -17.62
N GLU A 251 27.93 7.05 -16.73
CA GLU A 251 28.94 8.06 -17.13
C GLU A 251 29.80 7.45 -18.25
N PHE A 252 30.01 8.20 -19.34
CA PHE A 252 30.94 7.83 -20.44
C PHE A 252 30.33 6.72 -21.31
N GLU A 253 29.09 6.32 -21.09
CA GLU A 253 28.40 5.34 -21.99
C GLU A 253 27.69 6.17 -23.07
N GLN A 254 27.63 5.65 -24.31
CA GLN A 254 27.12 6.43 -25.45
C GLN A 254 25.58 6.40 -25.44
N PHE A 255 24.97 5.28 -25.01
CA PHE A 255 23.53 5.01 -25.24
C PHE A 255 22.81 4.56 -23.97
N GLU A 256 21.63 5.14 -23.75
CA GLU A 256 20.54 4.58 -22.91
C GLU A 256 20.43 3.08 -23.16
N SER A 257 20.08 2.27 -22.15
CA SER A 257 19.82 0.81 -22.28
C SER A 257 18.31 0.56 -22.10
N THR A 258 17.77 -0.49 -22.73
CA THR A 258 16.31 -0.80 -22.69
C THR A 258 16.14 -2.17 -22.06
N ILE A 259 15.21 -2.28 -21.11
CA ILE A 259 14.90 -3.58 -20.47
C ILE A 259 13.42 -3.85 -20.67
N GLY A 260 13.12 -5.05 -21.18
CA GLY A 260 11.78 -5.46 -21.62
C GLY A 260 11.20 -6.50 -20.70
N PHE A 261 9.91 -6.36 -20.42
CA PHE A 261 9.17 -7.38 -19.64
C PHE A 261 7.86 -7.75 -20.33
N LYS A 262 7.49 -9.01 -20.17
CA LYS A 262 6.21 -9.54 -20.66
C LYS A 262 5.23 -9.59 -19.50
N LEU A 263 4.10 -8.91 -19.64
CA LEU A 263 3.03 -8.95 -18.61
C LEU A 263 1.94 -9.92 -19.06
N PRO A 264 1.11 -10.40 -18.12
CA PRO A 264 0.07 -11.39 -18.44
C PRO A 264 -0.84 -10.98 -19.59
N ASN A 265 -1.13 -9.69 -19.70
CA ASN A 265 -2.06 -9.15 -20.73
C ASN A 265 -1.81 -7.66 -20.87
N HIS A 266 -2.46 -7.03 -21.82
CA HIS A 266 -2.30 -5.60 -22.14
C HIS A 266 -2.71 -4.75 -20.95
N ARG A 267 -3.76 -5.14 -20.23
CA ARG A 267 -4.28 -4.32 -19.11
C ARG A 267 -3.25 -4.33 -17.99
N ALA A 268 -2.62 -5.48 -17.72
CA ALA A 268 -1.57 -5.61 -16.69
C ALA A 268 -0.35 -4.76 -17.07
N ALA A 269 0.00 -4.69 -18.35
CA ALA A 269 1.15 -3.84 -18.78
C ALA A 269 0.77 -2.36 -18.57
N LYS A 270 -0.44 -1.95 -18.95
CA LYS A 270 -0.84 -0.54 -18.83
C LYS A 270 -0.89 -0.13 -17.34
N ARG A 271 -1.45 -0.99 -16.48
CA ARG A 271 -1.55 -0.78 -15.01
C ARG A 271 -0.14 -0.57 -14.41
N LEU A 272 0.80 -1.43 -14.79
CA LEU A 272 2.19 -1.33 -14.28
C LEU A 272 2.80 -0.01 -14.75
N TRP A 273 2.64 0.34 -16.03
CA TRP A 273 3.11 1.62 -16.59
C TRP A 273 2.55 2.79 -15.75
N LYS A 274 1.25 2.82 -15.49
CA LYS A 274 0.60 3.98 -14.82
C LYS A 274 1.11 4.08 -13.37
N VAL A 275 1.20 2.97 -12.64
CA VAL A 275 1.71 3.01 -11.24
C VAL A 275 3.19 3.45 -11.22
N CYS A 276 3.99 3.08 -12.22
CA CYS A 276 5.41 3.52 -12.30
C CYS A 276 5.48 5.03 -12.56
N VAL A 277 4.75 5.51 -13.56
CA VAL A 277 4.69 6.98 -13.88
C VAL A 277 4.27 7.72 -12.62
N GLU A 278 3.21 7.26 -11.93
CA GLU A 278 2.70 7.98 -10.74
C GLU A 278 3.76 8.00 -9.63
N HIS A 279 4.42 6.86 -9.36
CA HIS A 279 5.48 6.77 -8.34
C HIS A 279 6.67 7.67 -8.71
N HIS A 280 7.09 7.64 -9.98
CA HIS A 280 8.22 8.47 -10.49
C HIS A 280 7.90 9.95 -10.21
N THR A 281 6.70 10.40 -10.56
CA THR A 281 6.27 11.81 -10.36
C THR A 281 6.23 12.13 -8.86
N PHE A 282 5.53 11.32 -8.10
CA PHE A 282 5.33 11.57 -6.65
C PHE A 282 6.68 11.65 -5.96
N PHE A 283 7.54 10.67 -6.21
CA PHE A 283 8.79 10.51 -5.43
C PHE A 283 9.90 11.42 -5.99
N ARG A 284 9.69 11.96 -7.20
CA ARG A 284 10.51 13.03 -7.82
C ARG A 284 10.34 14.34 -7.04
N LEU A 285 9.16 14.56 -6.43
CA LEU A 285 8.78 15.83 -5.77
C LEU A 285 9.13 15.79 -4.28
N LEU A 286 9.15 14.58 -3.68
CA LEU A 286 9.57 14.35 -2.28
C LEU A 286 11.10 14.29 -2.23
#